data_2R8S
#
_entry.id   2R8S
#
_cell.length_a   133.085
_cell.length_b   53.230
_cell.length_c   160.555
_cell.angle_alpha   90.00
_cell.angle_beta   108.42
_cell.angle_gamma   90.00
#
_symmetry.space_group_name_H-M   'C 1 2 1'
#
loop_
_entity.id
_entity.type
_entity.pdbx_description
1 polymer 'P4-P6 RNA RIBOZYME DOMAIN'
2 polymer 'Fab light chain'
3 polymer 'Fab heavy chain'
4 non-polymer 'MAGNESIUM ION'
5 water water
#
loop_
_entity_poly.entity_id
_entity_poly.type
_entity_poly.pdbx_seq_one_letter_code
_entity_poly.pdbx_strand_id
1 'polyribonucleotide'
;GGAAUUGCGGGAAAGGGGUCAACAGCCGUUCAGUACCAAGUCUCAGGGGAAACUUUGAGAUGGCCUUGCAAAGGGUAUGG
UAAUAAGCUGACGGACAUGGUCCUAACACGCAGCCAAGUCCUAAGUCAACAGAUCUUCUGUUGAUAUGGAUGCAGUUCA
;
R
2 'polypeptide(L)'
;DIQMTQSPSSLSASVGDRVTITCRASQSVSSAVAWYQQKPGKAPKLLIYSASSLYSGVPSRFSGSRSGTDFTLTISSLQP
EDFATYYCQQSYSSPITFGQGTKVEIKRTVAAPSVFIFPPSDEQLKSGTASVVCLLNNFYPREAKVQWKVDNALQSGNSQ
ESVTEQDSKDSTYSLSSTLTLSKADYEKHKVYACEVTHQGLSSPVTKSFNRGEC
;
L
3 'polypeptide(L)'
;EVQLVESGGGLVQPGGSLRLSCAASGFNLYSSSIHWVRQAPGKGLEWVAYISSSYGYTYYADSVKGRFTISADTSKNTAY
LQMNSLRAEDTAVYYCARRAAGMSTYGFDYWGQGTLVTVSSASTKGPSVFPLAPSSKSTSGGTAALGCLVKDYFPEPVTV
SWNSGALTSGVHTFPAVLQSSGLYSLSSVVTVPSSSLGTQTYICNVNHKPSNTKVDKKVEPKSC
;
H
#
# COMPACT_ATOMS: atom_id res chain seq x y z
N ASP B 1 -5.89 -29.60 0.58
CA ASP B 1 -5.34 -28.60 -0.38
C ASP B 1 -3.82 -28.68 -0.41
N ILE B 2 -3.14 -28.01 -1.34
CA ILE B 2 -1.68 -27.98 -1.39
C ILE B 2 -1.18 -26.75 -0.66
N GLN B 3 -0.28 -26.88 0.31
CA GLN B 3 0.29 -25.74 1.00
C GLN B 3 1.58 -25.34 0.31
N MET B 4 1.82 -24.06 0.07
CA MET B 4 3.05 -23.57 -0.51
C MET B 4 3.81 -22.85 0.59
N THR B 5 4.89 -23.40 1.12
CA THR B 5 5.59 -22.81 2.24
C THR B 5 6.78 -22.01 1.76
N GLN B 6 6.74 -20.70 1.92
CA GLN B 6 7.76 -19.82 1.40
C GLN B 6 8.77 -19.51 2.48
N SER B 7 10.07 -19.71 2.27
CA SER B 7 11.09 -19.34 3.25
C SER B 7 11.82 -18.16 2.66
N PRO B 8 12.78 -17.61 3.40
CA PRO B 8 12.67 -16.34 4.08
C PRO B 8 11.29 -15.68 4.02
N SER B 9 10.64 -15.41 5.15
CA SER B 9 9.45 -14.57 5.18
C SER B 9 9.91 -13.13 4.94
N SER B 10 11.14 -12.78 5.28
CA SER B 10 11.66 -11.45 5.05
C SER B 10 13.15 -11.54 4.84
N LEU B 11 13.75 -10.69 4.02
CA LEU B 11 15.18 -10.64 3.91
C LEU B 11 15.64 -9.24 3.53
N SER B 12 16.88 -8.91 3.82
CA SER B 12 17.48 -7.64 3.48
C SER B 12 18.77 -7.97 2.77
N ALA B 13 19.04 -7.40 1.61
CA ALA B 13 20.22 -7.75 0.84
C ALA B 13 20.71 -6.53 0.09
N SER B 14 21.99 -6.45 -0.24
CA SER B 14 22.57 -5.30 -0.88
C SER B 14 22.35 -5.34 -2.36
N VAL B 15 22.40 -4.20 -3.04
CA VAL B 15 22.42 -4.14 -4.49
C VAL B 15 23.59 -4.96 -5.00
N GLY B 16 23.39 -5.85 -5.96
CA GLY B 16 24.45 -6.71 -6.47
C GLY B 16 24.39 -8.09 -5.84
N ASP B 17 23.76 -8.30 -4.70
CA ASP B 17 23.73 -9.61 -4.03
C ASP B 17 22.82 -10.55 -4.76
N ARG B 18 23.06 -11.86 -4.72
CA ARG B 18 22.14 -12.84 -5.25
C ARG B 18 21.12 -13.14 -4.18
N VAL B 19 19.82 -13.00 -4.46
CA VAL B 19 18.78 -13.27 -3.50
C VAL B 19 18.09 -14.56 -3.89
N THR B 20 17.87 -15.47 -2.95
CA THR B 20 17.25 -16.76 -3.20
C THR B 20 16.01 -16.86 -2.34
N ILE B 21 14.83 -17.08 -2.92
CA ILE B 21 13.61 -17.27 -2.18
C ILE B 21 13.14 -18.66 -2.54
N THR B 22 12.80 -19.52 -1.59
CA THR B 22 12.40 -20.88 -1.87
C THR B 22 10.94 -21.10 -1.50
N CYS B 23 10.27 -22.03 -2.16
CA CYS B 23 8.88 -22.38 -1.90
C CYS B 23 8.81 -23.90 -1.83
N ARG B 24 8.38 -24.50 -0.73
CA ARG B 24 8.20 -25.94 -0.65
C ARG B 24 6.73 -26.25 -0.80
N ALA B 25 6.32 -27.05 -1.79
CA ALA B 25 4.95 -27.47 -1.96
C ALA B 25 4.70 -28.66 -1.03
N SER B 26 3.56 -28.76 -0.35
CA SER B 26 3.31 -29.85 0.61
C SER B 26 3.16 -31.19 -0.10
N GLN B 27 2.96 -31.21 -1.41
CA GLN B 27 2.98 -32.42 -2.20
C GLN B 27 3.37 -32.06 -3.61
N SER B 28 3.56 -33.01 -4.52
CA SER B 28 4.02 -32.72 -5.86
C SER B 28 3.07 -31.74 -6.54
N VAL B 29 3.58 -30.75 -7.25
CA VAL B 29 2.78 -29.86 -8.07
C VAL B 29 3.38 -29.90 -9.49
N SER B 30 4.10 -30.96 -9.83
CA SER B 30 4.94 -31.05 -11.03
C SER B 30 5.69 -29.74 -11.17
N SER B 31 5.56 -28.98 -12.28
CA SER B 31 6.23 -27.69 -12.44
C SER B 31 5.21 -26.57 -12.49
N ALA B 32 3.99 -26.75 -11.97
CA ALA B 32 2.92 -25.78 -12.08
C ALA B 32 3.10 -24.68 -11.04
N VAL B 33 4.21 -23.96 -11.04
CA VAL B 33 4.49 -22.95 -10.03
C VAL B 33 4.83 -21.63 -10.70
N ALA B 34 4.25 -20.54 -10.21
CA ALA B 34 4.48 -19.21 -10.72
C ALA B 34 5.00 -18.33 -9.59
N TRP B 35 5.73 -17.28 -9.91
CA TRP B 35 6.25 -16.34 -8.94
C TRP B 35 5.77 -14.98 -9.31
N TYR B 36 5.39 -14.17 -8.32
CA TYR B 36 4.91 -12.83 -8.52
C TYR B 36 5.69 -11.85 -7.69
N GLN B 37 5.83 -10.62 -8.17
CA GLN B 37 6.36 -9.52 -7.41
C GLN B 37 5.22 -8.61 -7.09
N GLN B 38 4.97 -8.24 -5.83
CA GLN B 38 3.95 -7.26 -5.51
C GLN B 38 4.58 -6.05 -4.85
N LYS B 39 4.49 -4.89 -5.48
CA LYS B 39 4.84 -3.62 -4.88
C LYS B 39 3.67 -3.16 -4.05
N PRO B 40 3.94 -2.47 -2.94
CA PRO B 40 2.89 -2.01 -2.04
C PRO B 40 1.75 -1.28 -2.75
N GLY B 41 0.50 -1.63 -2.47
CA GLY B 41 -0.67 -1.00 -3.07
C GLY B 41 -0.87 -1.32 -4.53
N LYS B 42 -0.07 -2.20 -5.15
CA LYS B 42 -0.17 -2.52 -6.57
C LYS B 42 -0.57 -3.97 -6.74
N ALA B 43 -1.12 -4.35 -7.89
CA ALA B 43 -1.46 -5.72 -8.20
C ALA B 43 -0.16 -6.52 -8.30
N PRO B 44 -0.19 -7.80 -7.92
CA PRO B 44 0.96 -8.66 -8.14
C PRO B 44 1.36 -8.69 -9.61
N LYS B 45 2.65 -8.82 -9.92
CA LYS B 45 3.18 -8.83 -11.26
C LYS B 45 3.78 -10.19 -11.51
N LEU B 46 3.42 -10.87 -12.58
CA LEU B 46 3.94 -12.19 -12.90
C LEU B 46 5.42 -12.09 -13.27
N LEU B 47 6.28 -12.93 -12.69
CA LEU B 47 7.69 -13.00 -13.04
C LEU B 47 8.00 -14.28 -13.78
N ILE B 48 7.67 -15.43 -13.21
CA ILE B 48 8.08 -16.73 -13.67
C ILE B 48 6.86 -17.59 -13.69
N TYR B 49 6.71 -18.50 -14.65
CA TYR B 49 5.60 -19.43 -14.66
C TYR B 49 6.11 -20.78 -15.09
N SER B 50 5.34 -21.85 -14.87
CA SER B 50 5.79 -23.22 -15.13
C SER B 50 7.18 -23.39 -14.53
N ALA B 51 7.37 -22.95 -13.29
CA ALA B 51 8.61 -23.11 -12.51
C ALA B 51 9.78 -22.30 -13.02
N SER B 52 10.06 -22.24 -14.33
CA SER B 52 11.28 -21.62 -14.84
C SER B 52 11.09 -20.72 -16.06
N SER B 53 9.90 -20.50 -16.60
CA SER B 53 9.72 -19.65 -17.77
C SER B 53 9.63 -18.20 -17.36
N LEU B 54 10.40 -17.31 -17.97
CA LEU B 54 10.40 -15.90 -17.68
C LEU B 54 9.27 -15.22 -18.43
N TYR B 55 8.42 -14.46 -17.76
CA TYR B 55 7.33 -13.74 -18.42
C TYR B 55 7.88 -12.46 -19.04
N SER B 56 7.23 -11.85 -20.03
CA SER B 56 7.71 -10.63 -20.64
C SER B 56 7.64 -9.47 -19.65
N GLY B 57 8.48 -8.45 -19.77
CA GLY B 57 8.49 -7.32 -18.86
C GLY B 57 9.30 -7.59 -17.62
N VAL B 58 10.00 -8.72 -17.51
CA VAL B 58 10.76 -9.11 -16.33
C VAL B 58 12.25 -9.08 -16.70
N PRO B 59 13.08 -8.37 -15.95
CA PRO B 59 14.52 -8.37 -16.19
C PRO B 59 15.08 -9.78 -16.14
N SER B 60 16.07 -10.15 -16.94
CA SER B 60 16.55 -11.53 -16.95
C SER B 60 17.33 -11.87 -15.68
N ARG B 61 17.60 -10.93 -14.76
CA ARG B 61 18.20 -11.27 -13.47
C ARG B 61 17.27 -12.14 -12.62
N PHE B 62 15.96 -12.17 -12.90
CA PHE B 62 15.05 -13.08 -12.22
C PHE B 62 15.08 -14.41 -12.93
N SER B 63 15.17 -15.53 -12.22
CA SER B 63 15.04 -16.85 -12.79
C SER B 63 14.34 -17.74 -11.79
N GLY B 64 13.78 -18.86 -12.21
CA GLY B 64 13.14 -19.80 -11.33
C GLY B 64 13.63 -21.18 -11.62
N SER B 65 13.66 -22.06 -10.63
CA SER B 65 14.07 -23.44 -10.81
C SER B 65 13.26 -24.34 -9.89
N ARG B 66 13.25 -25.64 -10.16
CA ARG B 66 12.56 -26.62 -9.36
C ARG B 66 13.50 -27.74 -9.00
N SER B 67 13.47 -28.25 -7.77
CA SER B 67 14.07 -29.53 -7.45
C SER B 67 13.00 -30.31 -6.71
N GLY B 68 12.33 -31.28 -7.32
CA GLY B 68 11.26 -32.02 -6.68
C GLY B 68 10.13 -31.10 -6.30
N THR B 69 9.71 -31.07 -5.03
CA THR B 69 8.68 -30.16 -4.57
C THR B 69 9.27 -28.84 -4.07
N ASP B 70 10.55 -28.55 -4.27
CA ASP B 70 11.16 -27.28 -3.84
C ASP B 70 11.36 -26.34 -5.01
N PHE B 71 10.88 -25.10 -4.94
CA PHE B 71 10.97 -24.15 -6.02
C PHE B 71 11.77 -22.95 -5.58
N THR B 72 12.63 -22.40 -6.42
CA THR B 72 13.48 -21.29 -6.04
C THR B 72 13.32 -20.15 -7.01
N LEU B 73 13.06 -18.96 -6.50
CA LEU B 73 13.16 -17.74 -7.27
C LEU B 73 14.52 -17.17 -6.92
N THR B 74 15.36 -16.88 -7.91
CA THR B 74 16.66 -16.28 -7.71
C THR B 74 16.70 -14.90 -8.37
N ILE B 75 17.07 -13.85 -7.65
CA ILE B 75 17.37 -12.55 -8.23
C ILE B 75 18.90 -12.51 -8.24
N SER B 76 19.57 -12.55 -9.39
CA SER B 76 21.01 -12.80 -9.41
C SER B 76 21.85 -11.58 -9.04
N SER B 77 21.34 -10.37 -9.23
CA SER B 77 22.05 -9.17 -8.84
C SER B 77 20.97 -8.20 -8.42
N LEU B 78 20.60 -8.20 -7.14
CA LEU B 78 19.50 -7.38 -6.65
C LEU B 78 19.70 -5.93 -7.08
N GLN B 79 18.63 -5.24 -7.47
CA GLN B 79 18.65 -3.83 -7.78
C GLN B 79 17.69 -3.11 -6.81
N PRO B 80 17.87 -1.81 -6.62
CA PRO B 80 17.03 -1.04 -5.68
C PRO B 80 15.53 -1.18 -5.97
N GLU B 81 15.13 -1.23 -7.24
CA GLU B 81 13.72 -1.32 -7.61
C GLU B 81 13.14 -2.70 -7.28
N ASP B 82 13.91 -3.68 -6.82
CA ASP B 82 13.41 -5.03 -6.53
C ASP B 82 12.77 -5.17 -5.16
N PHE B 83 12.65 -4.11 -4.35
CA PHE B 83 11.97 -4.22 -3.08
C PHE B 83 10.51 -4.54 -3.37
N ALA B 84 9.93 -5.53 -2.69
CA ALA B 84 8.61 -6.02 -2.97
C ALA B 84 8.33 -7.17 -2.06
N THR B 85 7.10 -7.66 -2.02
CA THR B 85 6.81 -8.95 -1.49
C THR B 85 6.69 -9.89 -2.67
N TYR B 86 7.33 -11.04 -2.61
CA TYR B 86 7.34 -12.00 -3.69
C TYR B 86 6.48 -13.16 -3.24
N TYR B 87 5.65 -13.71 -4.11
CA TYR B 87 4.74 -14.78 -3.79
C TYR B 87 4.92 -15.90 -4.79
N CYS B 88 4.97 -17.14 -4.35
CA CYS B 88 4.89 -18.29 -5.21
C CYS B 88 3.44 -18.70 -5.29
N GLN B 89 3.04 -19.40 -6.34
CA GLN B 89 1.69 -19.85 -6.54
C GLN B 89 1.71 -21.23 -7.17
N GLN B 90 0.85 -22.15 -6.79
CA GLN B 90 0.74 -23.43 -7.47
C GLN B 90 -0.55 -23.49 -8.24
N SER B 91 -0.53 -23.98 -9.48
CA SER B 91 -1.70 -24.17 -10.30
C SER B 91 -1.75 -25.64 -10.67
N TYR B 92 -1.45 -26.56 -9.76
CA TYR B 92 -1.45 -27.98 -10.05
C TYR B 92 -2.80 -28.56 -9.68
N SER B 93 -3.42 -28.15 -8.58
CA SER B 93 -4.73 -28.65 -8.22
C SER B 93 -5.54 -27.58 -7.50
N SER B 94 -6.87 -27.66 -7.53
CA SER B 94 -7.73 -26.68 -6.90
C SER B 94 -7.82 -27.01 -5.41
N PRO B 95 -7.90 -26.01 -4.54
CA PRO B 95 -7.84 -24.60 -4.93
C PRO B 95 -6.42 -24.14 -5.27
N ILE B 96 -6.26 -23.19 -6.17
CA ILE B 96 -4.98 -22.51 -6.38
C ILE B 96 -4.55 -21.90 -5.05
N THR B 97 -3.30 -22.07 -4.65
CA THR B 97 -2.82 -21.53 -3.40
C THR B 97 -1.56 -20.71 -3.63
N PHE B 98 -1.32 -19.72 -2.80
CA PHE B 98 -0.14 -18.87 -2.85
C PHE B 98 0.73 -19.13 -1.66
N GLY B 99 2.04 -18.92 -1.74
CA GLY B 99 2.89 -18.87 -0.57
C GLY B 99 2.52 -17.69 0.30
N GLN B 100 3.06 -17.61 1.52
CA GLN B 100 2.71 -16.54 2.46
C GLN B 100 3.44 -15.25 2.11
N GLY B 101 4.38 -15.25 1.16
CA GLY B 101 5.05 -14.05 0.71
C GLY B 101 6.42 -13.94 1.34
N THR B 102 7.39 -13.35 0.65
CA THR B 102 8.70 -13.04 1.20
C THR B 102 8.92 -11.57 0.97
N LYS B 103 9.13 -10.77 2.01
CA LYS B 103 9.35 -9.36 1.83
C LYS B 103 10.84 -9.17 1.57
N VAL B 104 11.22 -8.49 0.49
CA VAL B 104 12.61 -8.21 0.18
C VAL B 104 12.85 -6.73 0.39
N GLU B 105 13.82 -6.33 1.20
CA GLU B 105 14.20 -4.93 1.29
C GLU B 105 15.65 -4.76 0.88
N ILE B 106 16.02 -3.59 0.38
CA ILE B 106 17.36 -3.34 -0.10
C ILE B 106 18.19 -2.78 1.04
N LYS B 107 19.32 -3.40 1.36
CA LYS B 107 20.24 -2.92 2.39
C LYS B 107 21.10 -1.85 1.75
N ARG B 108 21.28 -0.70 2.38
CA ARG B 108 22.18 0.33 1.89
C ARG B 108 22.91 0.94 3.06
N THR B 109 23.79 1.92 2.84
CA THR B 109 24.50 2.56 3.93
C THR B 109 23.49 3.19 4.90
N VAL B 110 23.82 3.28 6.18
CA VAL B 110 22.97 3.94 7.14
C VAL B 110 22.85 5.41 6.76
N ALA B 111 21.65 5.99 6.81
CA ALA B 111 21.41 7.40 6.54
C ALA B 111 20.51 7.92 7.64
N ALA B 112 20.89 8.99 8.33
CA ALA B 112 20.09 9.54 9.43
C ALA B 112 18.91 10.28 8.83
N PRO B 113 17.80 10.33 9.57
CA PRO B 113 16.64 11.07 9.11
C PRO B 113 16.90 12.56 9.19
N SER B 114 16.41 13.35 8.25
CA SER B 114 16.29 14.78 8.44
C SER B 114 14.98 14.95 9.18
N VAL B 115 14.93 15.68 10.28
CA VAL B 115 13.73 15.75 11.08
C VAL B 115 13.06 17.12 10.98
N PHE B 116 11.75 17.16 10.77
CA PHE B 116 10.97 18.38 10.72
C PHE B 116 9.81 18.25 11.68
N ILE B 117 9.35 19.34 12.31
CA ILE B 117 8.18 19.31 13.17
C ILE B 117 7.18 20.31 12.61
N PHE B 118 5.88 20.06 12.66
CA PHE B 118 4.86 20.97 12.16
C PHE B 118 3.83 21.17 13.25
N PRO B 119 3.57 22.41 13.67
CA PRO B 119 2.50 22.65 14.61
C PRO B 119 1.13 22.42 13.97
N PRO B 120 0.10 22.26 14.79
CA PRO B 120 -1.26 22.18 14.28
C PRO B 120 -1.64 23.44 13.51
N SER B 121 -2.45 23.35 12.45
CA SER B 121 -2.93 24.53 11.77
C SER B 121 -3.87 25.28 12.73
N ASP B 122 -4.07 26.59 12.58
CA ASP B 122 -5.00 27.35 13.42
C ASP B 122 -6.42 26.88 13.17
N GLU B 123 -6.80 26.56 11.94
CA GLU B 123 -8.12 26.06 11.63
C GLU B 123 -8.41 24.74 12.34
N GLN B 124 -7.53 23.75 12.30
CA GLN B 124 -7.75 22.53 13.06
C GLN B 124 -7.86 22.84 14.55
N LEU B 125 -7.00 23.67 15.11
CA LEU B 125 -6.99 23.94 16.55
C LEU B 125 -8.29 24.59 16.98
N LYS B 126 -8.85 25.54 16.22
CA LYS B 126 -10.14 26.16 16.54
C LYS B 126 -11.23 25.09 16.58
N SER B 127 -11.17 24.03 15.76
CA SER B 127 -12.16 22.96 15.76
C SER B 127 -12.05 22.02 16.97
N GLY B 128 -11.10 22.19 17.89
CA GLY B 128 -11.03 21.40 19.12
C GLY B 128 -9.92 20.36 19.15
N THR B 129 -9.10 20.19 18.12
CA THR B 129 -8.04 19.19 18.10
C THR B 129 -6.73 19.77 17.63
N ALA B 130 -5.60 19.30 18.14
CA ALA B 130 -4.30 19.70 17.69
C ALA B 130 -3.59 18.45 17.18
N SER B 131 -3.24 18.38 15.90
CA SER B 131 -2.38 17.32 15.40
C SER B 131 -1.00 17.91 15.20
N VAL B 132 0.02 17.46 15.94
CA VAL B 132 1.40 17.90 15.76
C VAL B 132 2.12 16.82 14.98
N VAL B 133 2.76 17.10 13.87
CA VAL B 133 3.35 16.07 13.04
C VAL B 133 4.85 16.20 13.05
N CYS B 134 5.55 15.09 13.19
CA CYS B 134 7.00 15.03 13.19
C CYS B 134 7.40 14.21 11.98
N LEU B 135 8.14 14.75 11.02
CA LEU B 135 8.50 14.07 9.80
C LEU B 135 9.95 13.61 9.92
N LEU B 136 10.26 12.34 9.68
CA LEU B 136 11.61 11.83 9.62
C LEU B 136 11.84 11.53 8.17
N ASN B 137 12.68 12.25 7.45
CA ASN B 137 12.77 12.09 6.00
C ASN B 137 14.01 11.33 5.54
N ASN B 138 13.85 10.34 4.67
CA ASN B 138 14.92 9.70 3.89
C ASN B 138 15.99 9.06 4.75
N PHE B 139 15.65 8.08 5.58
CA PHE B 139 16.61 7.45 6.46
C PHE B 139 16.74 5.96 6.16
N TYR B 140 17.75 5.31 6.70
CA TYR B 140 17.92 3.89 6.58
C TYR B 140 18.84 3.48 7.73
N PRO B 141 18.56 2.39 8.45
CA PRO B 141 17.48 1.43 8.18
C PRO B 141 16.12 1.87 8.68
N ARG B 142 15.08 1.07 8.51
CA ARG B 142 13.69 1.44 8.81
C ARG B 142 13.50 1.70 10.30
N GLU B 143 14.27 1.08 11.17
CA GLU B 143 14.03 1.13 12.60
C GLU B 143 14.37 2.51 13.15
N ALA B 144 13.42 3.22 13.77
CA ALA B 144 13.63 4.56 14.30
C ALA B 144 12.68 4.75 15.46
N LYS B 145 13.08 5.42 16.53
CA LYS B 145 12.20 5.68 17.66
C LYS B 145 11.88 7.15 17.66
N VAL B 146 10.61 7.54 17.74
CA VAL B 146 10.19 8.90 17.92
C VAL B 146 9.55 9.00 19.29
N GLN B 147 10.03 9.87 20.18
CA GLN B 147 9.38 10.15 21.46
C GLN B 147 8.86 11.58 21.45
N TRP B 148 7.62 11.83 21.84
CA TRP B 148 7.07 13.17 21.95
C TRP B 148 7.21 13.68 23.37
N LYS B 149 7.58 14.94 23.55
CA LYS B 149 7.60 15.57 24.86
C LYS B 149 6.84 16.88 24.76
N VAL B 150 5.90 17.17 25.66
CA VAL B 150 5.29 18.49 25.74
C VAL B 150 5.71 19.08 27.08
N ASP B 151 6.35 20.26 27.12
CA ASP B 151 6.96 20.80 28.33
C ASP B 151 7.86 19.75 28.99
N ASN B 152 8.67 19.03 28.22
CA ASN B 152 9.52 17.93 28.70
C ASN B 152 8.75 16.75 29.33
N ALA B 153 7.42 16.73 29.33
CA ALA B 153 6.66 15.60 29.81
C ALA B 153 6.63 14.50 28.73
N LEU B 154 7.18 13.32 29.01
CA LEU B 154 7.19 12.19 28.07
C LEU B 154 5.76 11.82 27.72
N GLN B 155 5.41 11.74 26.45
CA GLN B 155 4.05 11.44 26.03
C GLN B 155 3.91 9.96 25.75
N SER B 156 2.75 9.37 25.97
CA SER B 156 2.50 7.98 25.65
C SER B 156 1.02 7.77 25.35
N GLY B 157 0.66 6.93 24.39
CA GLY B 157 -0.72 6.60 24.09
C GLY B 157 -1.39 7.58 23.14
N ASN B 158 -0.85 8.77 22.92
CA ASN B 158 -1.50 9.79 22.09
C ASN B 158 -0.72 10.09 20.82
N SER B 159 0.07 9.17 20.29
CA SER B 159 0.73 9.36 19.00
C SER B 159 0.61 8.12 18.14
N GLN B 160 0.58 8.28 16.82
CA GLN B 160 0.62 7.16 15.89
C GLN B 160 1.63 7.46 14.82
N GLU B 161 2.27 6.47 14.21
CA GLU B 161 3.21 6.75 13.16
C GLU B 161 2.99 5.93 11.93
N SER B 162 3.42 6.42 10.78
CA SER B 162 3.24 5.78 9.51
C SER B 162 4.59 5.83 8.81
N VAL B 163 4.99 4.78 8.10
CA VAL B 163 6.27 4.72 7.44
C VAL B 163 6.07 4.48 5.96
N THR B 164 6.79 5.16 5.09
CA THR B 164 6.65 4.95 3.66
C THR B 164 7.30 3.63 3.32
N GLU B 165 7.09 3.09 2.14
CA GLU B 165 7.80 1.92 1.75
C GLU B 165 9.14 2.38 1.14
N GLN B 166 10.08 1.49 0.90
CA GLN B 166 11.43 1.87 0.55
C GLN B 166 11.48 2.63 -0.77
N ASP B 167 12.27 3.68 -0.90
CA ASP B 167 12.42 4.40 -2.16
C ASP B 167 13.05 3.52 -3.23
N SER B 168 12.54 3.52 -4.46
CA SER B 168 13.03 2.65 -5.53
C SER B 168 14.35 3.12 -6.08
N LYS B 169 14.79 4.34 -5.85
CA LYS B 169 16.09 4.81 -6.30
C LYS B 169 17.11 4.82 -5.19
N ASP B 170 16.85 5.45 -4.03
CA ASP B 170 17.87 5.59 -2.97
C ASP B 170 17.59 4.68 -1.78
N SER B 171 16.59 3.81 -1.82
CA SER B 171 16.37 2.76 -0.82
C SER B 171 16.16 3.29 0.61
N THR B 172 15.75 4.55 0.79
CA THR B 172 15.48 5.11 2.10
C THR B 172 14.02 5.02 2.47
N TYR B 173 13.71 5.25 3.75
CA TYR B 173 12.36 5.33 4.26
C TYR B 173 12.06 6.73 4.71
N SER B 174 10.80 7.08 4.88
CA SER B 174 10.41 8.28 5.58
C SER B 174 9.34 7.89 6.54
N LEU B 175 9.16 8.61 7.64
CA LEU B 175 8.25 8.24 8.70
C LEU B 175 7.60 9.51 9.21
N SER B 176 6.30 9.53 9.41
CA SER B 176 5.64 10.66 10.03
C SER B 176 5.04 10.15 11.34
N SER B 177 5.18 10.89 12.43
CA SER B 177 4.53 10.57 13.69
C SER B 177 3.61 11.73 14.00
N THR B 178 2.39 11.48 14.45
CA THR B 178 1.43 12.53 14.73
C THR B 178 1.05 12.45 16.18
N LEU B 179 1.25 13.51 16.96
CA LEU B 179 0.77 13.62 18.33
C LEU B 179 -0.62 14.25 18.28
N THR B 180 -1.64 13.65 18.87
CA THR B 180 -2.98 14.25 18.85
C THR B 180 -3.33 14.72 20.24
N LEU B 181 -3.63 16.01 20.41
CA LEU B 181 -4.00 16.61 21.69
C LEU B 181 -5.35 17.27 21.55
N SER B 182 -6.12 17.45 22.62
CA SER B 182 -7.31 18.29 22.60
C SER B 182 -6.86 19.73 22.46
N LYS B 183 -7.69 20.64 21.97
CA LYS B 183 -7.38 22.07 21.97
C LYS B 183 -7.05 22.49 23.40
N ALA B 184 -7.83 22.09 24.40
CA ALA B 184 -7.58 22.45 25.80
C ALA B 184 -6.15 22.09 26.18
N ASP B 185 -5.74 20.83 26.09
CA ASP B 185 -4.38 20.40 26.45
C ASP B 185 -3.32 21.12 25.64
N TYR B 186 -3.49 21.32 24.34
CA TYR B 186 -2.48 21.94 23.50
C TYR B 186 -2.24 23.37 23.93
N GLU B 187 -3.27 24.15 24.23
CA GLU B 187 -3.12 25.54 24.65
C GLU B 187 -2.57 25.65 26.07
N LYS B 188 -2.62 24.61 26.90
CA LYS B 188 -2.03 24.65 28.24
C LYS B 188 -0.50 24.61 28.19
N HIS B 189 0.11 24.01 27.19
CA HIS B 189 1.56 23.76 27.21
C HIS B 189 2.30 24.62 26.19
N LYS B 190 3.61 24.83 26.34
CA LYS B 190 4.37 25.76 25.51
C LYS B 190 5.24 25.02 24.51
N VAL B 191 6.14 24.14 24.92
CA VAL B 191 7.15 23.57 24.04
C VAL B 191 6.70 22.19 23.56
N TYR B 192 6.69 21.95 22.26
CA TYR B 192 6.31 20.68 21.69
C TYR B 192 7.54 20.14 21.00
N ALA B 193 8.00 18.94 21.35
CA ALA B 193 9.26 18.42 20.86
C ALA B 193 9.10 16.98 20.45
N CYS B 194 9.70 16.56 19.34
CA CYS B 194 9.78 15.16 19.01
C CYS B 194 11.24 14.77 18.99
N GLU B 195 11.62 13.72 19.71
CA GLU B 195 12.99 13.30 19.88
C GLU B 195 13.19 12.04 19.07
N VAL B 196 14.10 12.03 18.10
CA VAL B 196 14.27 10.90 17.19
C VAL B 196 15.52 10.15 17.54
N THR B 197 15.46 8.84 17.73
CA THR B 197 16.63 8.00 17.89
C THR B 197 16.76 7.13 16.67
N HIS B 198 17.94 7.07 16.07
CA HIS B 198 18.17 6.29 14.87
C HIS B 198 19.64 5.92 14.82
N GLN B 199 20.00 4.83 14.17
CA GLN B 199 21.37 4.35 14.07
C GLN B 199 22.27 5.37 13.38
N GLY B 200 21.76 6.15 12.44
CA GLY B 200 22.52 7.20 11.77
C GLY B 200 22.80 8.40 12.66
N LEU B 201 22.18 8.51 13.84
CA LEU B 201 22.34 9.66 14.75
C LEU B 201 23.15 9.21 15.96
N SER B 202 24.32 9.77 16.21
CA SER B 202 25.15 9.40 17.36
C SER B 202 24.42 9.70 18.67
N SER B 203 23.56 10.72 18.72
CA SER B 203 22.67 11.00 19.85
C SER B 203 21.27 11.29 19.32
N PRO B 204 20.25 11.02 20.13
CA PRO B 204 18.89 11.39 19.75
C PRO B 204 18.80 12.85 19.33
N VAL B 205 18.08 13.18 18.27
CA VAL B 205 17.93 14.55 17.78
C VAL B 205 16.56 15.06 18.20
N THR B 206 16.44 16.24 18.79
CA THR B 206 15.14 16.81 19.11
C THR B 206 14.80 17.94 18.15
N LYS B 207 13.58 18.00 17.64
CA LYS B 207 13.11 19.12 16.88
C LYS B 207 11.90 19.63 17.64
N SER B 208 11.78 20.92 17.91
CA SER B 208 10.70 21.43 18.72
C SER B 208 10.23 22.78 18.27
N PHE B 209 9.09 23.26 18.77
CA PHE B 209 8.65 24.61 18.56
C PHE B 209 7.95 25.06 19.84
N ASN B 210 7.78 26.36 20.06
CA ASN B 210 6.99 26.87 21.16
C ASN B 210 5.66 27.30 20.63
N ARG B 211 4.56 26.94 21.28
CA ARG B 211 3.23 27.30 20.85
C ARG B 211 3.06 28.82 20.85
N GLY B 212 2.43 29.42 19.84
CA GLY B 212 2.17 30.87 19.83
C GLY B 212 2.44 31.51 18.48
N GLU B 213 1.80 32.64 18.15
CA GLU B 213 2.05 33.37 16.90
C GLU B 213 3.46 34.00 16.91
N CYS B 214 4.05 34.25 18.08
CA CYS B 214 5.43 34.75 18.21
C CYS B 214 5.57 36.18 17.71
N GLU C 1 -2.60 -0.33 -24.72
CA GLU C 1 -1.85 -1.40 -23.99
C GLU C 1 -2.83 -2.44 -23.46
N VAL C 2 -2.48 -3.72 -23.48
CA VAL C 2 -3.39 -4.80 -23.11
C VAL C 2 -3.61 -4.77 -21.61
N GLN C 3 -4.85 -4.76 -21.10
CA GLN C 3 -5.06 -4.64 -19.66
C GLN C 3 -6.44 -5.07 -19.22
N LEU C 4 -6.60 -5.25 -17.92
CA LEU C 4 -7.83 -5.64 -17.25
C LEU C 4 -8.25 -4.47 -16.39
N VAL C 5 -9.45 -3.92 -16.54
CA VAL C 5 -9.82 -2.70 -15.82
C VAL C 5 -10.95 -3.01 -14.86
N GLU C 6 -10.69 -2.88 -13.57
CA GLU C 6 -11.55 -3.32 -12.52
C GLU C 6 -12.37 -2.17 -11.94
N SER C 7 -13.64 -2.35 -11.61
CA SER C 7 -14.43 -1.35 -10.89
C SER C 7 -15.48 -2.02 -10.00
N GLY C 8 -16.18 -1.28 -9.15
CA GLY C 8 -17.40 -1.73 -8.48
C GLY C 8 -17.29 -2.05 -6.99
N GLY C 9 -16.14 -1.86 -6.35
CA GLY C 9 -15.97 -2.21 -4.94
C GLY C 9 -16.45 -1.09 -4.01
N GLY C 10 -15.85 -0.90 -2.85
CA GLY C 10 -16.21 0.20 -1.97
C GLY C 10 -16.83 -0.27 -0.66
N LEU C 11 -17.51 0.63 0.04
CA LEU C 11 -18.05 0.38 1.37
C LEU C 11 -19.39 -0.33 1.24
N VAL C 12 -19.67 -1.36 2.03
CA VAL C 12 -21.01 -1.96 2.10
C VAL C 12 -21.27 -2.40 3.51
N GLN C 13 -22.51 -2.39 3.96
CA GLN C 13 -22.84 -2.84 5.29
C GLN C 13 -22.81 -4.35 5.33
N PRO C 14 -22.55 -4.92 6.51
CA PRO C 14 -22.63 -6.37 6.66
C PRO C 14 -23.96 -6.87 6.11
N GLY C 15 -24.01 -8.00 5.41
CA GLY C 15 -25.23 -8.49 4.80
C GLY C 15 -25.51 -7.85 3.46
N GLY C 16 -24.81 -6.77 3.08
CA GLY C 16 -25.06 -6.06 1.84
C GLY C 16 -24.44 -6.76 0.66
N SER C 17 -24.57 -6.21 -0.55
CA SER C 17 -24.09 -6.82 -1.78
C SER C 17 -23.21 -5.86 -2.54
N LEU C 18 -22.26 -6.36 -3.33
CA LEU C 18 -21.48 -5.57 -4.25
C LEU C 18 -21.28 -6.36 -5.52
N ARG C 19 -21.15 -5.72 -6.67
CA ARG C 19 -20.87 -6.38 -7.91
C ARG C 19 -19.57 -5.81 -8.44
N LEU C 20 -18.50 -6.59 -8.55
CA LEU C 20 -17.24 -6.13 -9.12
C LEU C 20 -17.26 -6.40 -10.60
N SER C 21 -16.73 -5.49 -11.42
CA SER C 21 -16.61 -5.65 -12.86
C SER C 21 -15.16 -5.77 -13.22
N CYS C 22 -14.83 -6.50 -14.27
CA CYS C 22 -13.48 -6.65 -14.75
C CYS C 22 -13.56 -6.59 -16.27
N ALA C 23 -13.27 -5.45 -16.91
CA ALA C 23 -13.38 -5.27 -18.35
C ALA C 23 -12.05 -5.59 -19.00
N ALA C 24 -12.00 -6.51 -19.95
CA ALA C 24 -10.78 -6.84 -20.66
C ALA C 24 -10.57 -5.85 -21.78
N SER C 25 -9.36 -5.37 -22.02
CA SER C 25 -9.05 -4.48 -23.10
C SER C 25 -7.84 -5.06 -23.82
N GLY C 26 -7.91 -5.39 -25.10
CA GLY C 26 -6.74 -5.80 -25.88
C GLY C 26 -6.51 -7.29 -25.89
N PHE C 27 -7.19 -8.08 -25.07
CA PHE C 27 -7.20 -9.52 -25.19
C PHE C 27 -8.64 -9.98 -25.16
N ASN C 28 -8.90 -11.20 -25.58
CA ASN C 28 -10.24 -11.76 -25.68
C ASN C 28 -10.63 -12.49 -24.41
N LEU C 29 -11.76 -12.17 -23.79
CA LEU C 29 -12.23 -12.85 -22.59
C LEU C 29 -12.58 -14.31 -22.88
N TYR C 30 -13.13 -14.63 -24.05
CA TYR C 30 -13.55 -16.00 -24.33
C TYR C 30 -12.33 -16.93 -24.30
N SER C 31 -11.13 -16.48 -24.62
CA SER C 31 -9.93 -17.33 -24.61
C SER C 31 -9.13 -17.08 -23.34
N SER C 32 -9.77 -16.66 -22.24
CA SER C 32 -9.14 -16.48 -20.95
C SER C 32 -9.92 -17.21 -19.89
N SER C 33 -9.31 -17.64 -18.80
CA SER C 33 -10.02 -17.92 -17.57
C SER C 33 -9.89 -16.66 -16.73
N ILE C 34 -10.83 -16.35 -15.86
CA ILE C 34 -10.76 -15.15 -15.03
C ILE C 34 -10.76 -15.61 -13.60
N HIS C 35 -9.84 -15.12 -12.79
CA HIS C 35 -9.60 -15.60 -11.45
C HIS C 35 -9.83 -14.44 -10.53
N TRP C 36 -10.38 -14.62 -9.34
CA TRP C 36 -10.53 -13.56 -8.40
C TRP C 36 -9.67 -13.84 -7.18
N VAL C 37 -8.78 -12.92 -6.84
CA VAL C 37 -7.81 -13.09 -5.79
C VAL C 37 -8.03 -11.94 -4.84
N ARG C 38 -8.10 -12.17 -3.54
CA ARG C 38 -8.28 -11.05 -2.64
C ARG C 38 -7.15 -10.99 -1.66
N GLN C 39 -6.87 -9.79 -1.15
CA GLN C 39 -5.82 -9.57 -0.20
C GLN C 39 -6.36 -8.71 0.94
N ALA C 40 -6.61 -9.25 2.13
CA ALA C 40 -7.03 -8.48 3.29
C ALA C 40 -5.94 -7.44 3.54
N PRO C 41 -6.31 -6.27 4.05
CA PRO C 41 -5.31 -5.23 4.33
C PRO C 41 -4.07 -5.75 5.07
N GLY C 42 -2.88 -5.64 4.49
CA GLY C 42 -1.64 -6.03 5.14
C GLY C 42 -1.41 -7.52 5.18
N LYS C 43 -2.18 -8.35 4.46
CA LYS C 43 -2.08 -9.80 4.54
C LYS C 43 -1.69 -10.39 3.19
N GLY C 44 -1.82 -11.68 2.98
CA GLY C 44 -1.38 -12.34 1.77
C GLY C 44 -2.46 -12.48 0.72
N LEU C 45 -2.16 -13.14 -0.39
CA LEU C 45 -3.09 -13.33 -1.50
C LEU C 45 -3.93 -14.55 -1.28
N GLU C 46 -5.24 -14.49 -1.46
CA GLU C 46 -6.11 -15.65 -1.37
C GLU C 46 -6.90 -15.79 -2.67
N TRP C 47 -6.86 -16.94 -3.32
CA TRP C 47 -7.65 -17.23 -4.51
C TRP C 47 -9.08 -17.56 -4.08
N VAL C 48 -10.11 -16.83 -4.51
CA VAL C 48 -11.47 -17.05 -3.99
C VAL C 48 -12.40 -17.67 -5.03
N ALA C 49 -12.22 -17.41 -6.32
CA ALA C 49 -13.10 -17.98 -7.35
C ALA C 49 -12.48 -17.88 -8.71
N TYR C 50 -12.97 -18.65 -9.68
CA TYR C 50 -12.54 -18.47 -11.05
C TYR C 50 -13.57 -19.07 -11.96
N ILE C 51 -13.59 -18.64 -13.22
CA ILE C 51 -14.39 -19.23 -14.24
C ILE C 51 -13.40 -19.61 -15.34
N SER C 52 -13.37 -20.89 -15.76
CA SER C 52 -12.47 -21.37 -16.81
C SER C 52 -12.87 -20.78 -18.15
N SER C 53 -12.04 -20.89 -19.19
CA SER C 53 -12.30 -20.27 -20.50
C SER C 53 -13.47 -20.93 -21.22
N SER C 54 -13.90 -22.13 -20.84
CA SER C 54 -15.13 -22.74 -21.35
C SER C 54 -16.36 -21.99 -20.83
N TYR C 55 -16.22 -21.17 -19.78
CA TYR C 55 -17.29 -20.39 -19.14
C TYR C 55 -18.45 -21.29 -18.78
N GLY C 56 -18.36 -21.93 -17.63
CA GLY C 56 -19.28 -22.99 -17.23
C GLY C 56 -18.63 -23.77 -16.10
N TYR C 57 -17.33 -24.04 -16.16
CA TYR C 57 -16.62 -24.59 -15.04
C TYR C 57 -16.23 -23.40 -14.17
N THR C 58 -16.85 -23.24 -13.01
CA THR C 58 -16.45 -22.23 -12.03
C THR C 58 -15.98 -22.95 -10.80
N TYR C 59 -15.06 -22.40 -10.04
CA TYR C 59 -14.77 -22.89 -8.70
C TYR C 59 -14.97 -21.73 -7.74
N TYR C 60 -15.46 -21.96 -6.53
CA TYR C 60 -15.56 -20.96 -5.49
C TYR C 60 -14.99 -21.51 -4.20
N ALA C 61 -14.23 -20.73 -3.44
CA ALA C 61 -13.81 -21.11 -2.09
C ALA C 61 -15.03 -21.43 -1.23
N ASP C 62 -14.94 -22.41 -0.32
CA ASP C 62 -16.07 -22.83 0.51
C ASP C 62 -16.73 -21.66 1.22
N SER C 63 -15.98 -20.70 1.75
CA SER C 63 -16.52 -19.62 2.57
C SER C 63 -17.24 -18.60 1.70
N VAL C 64 -17.11 -18.69 0.40
CA VAL C 64 -17.59 -17.71 -0.57
C VAL C 64 -18.69 -18.36 -1.41
N LYS C 65 -18.73 -19.69 -1.49
CA LYS C 65 -19.63 -20.46 -2.33
C LYS C 65 -21.07 -20.14 -1.95
N GLY C 66 -21.96 -19.92 -2.91
CA GLY C 66 -23.34 -19.54 -2.64
C GLY C 66 -23.50 -18.05 -2.56
N ARG C 67 -22.60 -17.32 -1.90
CA ARG C 67 -22.68 -15.88 -1.78
C ARG C 67 -22.09 -15.19 -3.00
N PHE C 68 -21.03 -15.72 -3.61
CA PHE C 68 -20.34 -15.07 -4.71
C PHE C 68 -20.74 -15.78 -6.00
N THR C 69 -20.89 -15.07 -7.11
CA THR C 69 -21.23 -15.66 -8.39
C THR C 69 -20.45 -14.94 -9.46
N ILE C 70 -19.62 -15.66 -10.21
CA ILE C 70 -18.93 -15.14 -11.37
C ILE C 70 -19.86 -15.22 -12.56
N SER C 71 -19.92 -14.19 -13.40
CA SER C 71 -20.55 -14.27 -14.69
C SER C 71 -19.67 -13.53 -15.69
N ALA C 72 -19.90 -13.68 -16.98
CA ALA C 72 -19.17 -12.98 -18.02
C ALA C 72 -20.14 -12.44 -19.06
N ASP C 73 -19.90 -11.26 -19.61
CA ASP C 73 -20.68 -10.70 -20.70
C ASP C 73 -19.76 -10.68 -21.92
N THR C 74 -19.87 -11.67 -22.82
CA THR C 74 -19.03 -11.76 -24.02
C THR C 74 -19.11 -10.47 -24.83
N SER C 75 -20.29 -9.88 -25.00
CA SER C 75 -20.47 -8.64 -25.78
C SER C 75 -19.64 -7.49 -25.21
N LYS C 76 -19.50 -7.36 -23.89
CA LYS C 76 -18.77 -6.26 -23.29
C LYS C 76 -17.35 -6.66 -22.94
N ASN C 77 -16.91 -7.89 -23.23
CA ASN C 77 -15.58 -8.37 -22.89
C ASN C 77 -15.33 -8.10 -21.40
N THR C 78 -16.31 -8.37 -20.55
CA THR C 78 -16.29 -8.04 -19.13
C THR C 78 -16.71 -9.23 -18.29
N ALA C 79 -16.03 -9.51 -17.20
CA ALA C 79 -16.43 -10.52 -16.23
C ALA C 79 -16.95 -9.81 -15.00
N TYR C 80 -17.81 -10.44 -14.21
CA TYR C 80 -18.34 -9.85 -13.00
C TYR C 80 -18.18 -10.79 -11.86
N LEU C 81 -18.09 -10.28 -10.64
CA LEU C 81 -18.19 -11.09 -9.45
C LEU C 81 -19.31 -10.47 -8.64
N GLN C 82 -20.44 -11.14 -8.48
CA GLN C 82 -21.52 -10.67 -7.64
C GLN C 82 -21.23 -11.19 -6.27
N MET C 83 -21.17 -10.36 -5.24
CA MET C 83 -20.81 -10.77 -3.91
C MET C 83 -22.00 -10.43 -3.02
N ASN C 84 -22.72 -11.41 -2.49
CA ASN C 84 -23.90 -11.17 -1.67
C ASN C 84 -23.62 -11.52 -0.22
N SER C 85 -24.49 -11.13 0.71
CA SER C 85 -24.39 -11.48 2.14
C SER C 85 -22.99 -11.22 2.65
N LEU C 86 -22.44 -10.05 2.39
CA LEU C 86 -21.06 -9.76 2.70
C LEU C 86 -20.87 -9.66 4.19
N ARG C 87 -19.71 -10.06 4.70
CA ARG C 87 -19.42 -9.97 6.10
C ARG C 87 -18.01 -9.45 6.26
N ALA C 88 -17.61 -9.06 7.46
CA ALA C 88 -16.30 -8.47 7.72
C ALA C 88 -15.14 -9.32 7.21
N GLU C 89 -15.26 -10.65 7.20
CA GLU C 89 -14.24 -11.56 6.67
C GLU C 89 -13.91 -11.23 5.20
N ASP C 90 -14.85 -10.66 4.45
CA ASP C 90 -14.69 -10.35 3.04
C ASP C 90 -13.98 -9.04 2.81
N THR C 91 -13.71 -8.21 3.82
CA THR C 91 -13.04 -6.94 3.61
C THR C 91 -11.64 -7.19 3.06
N ALA C 92 -11.31 -6.63 1.91
CA ALA C 92 -10.06 -6.92 1.21
C ALA C 92 -9.96 -6.13 -0.07
N VAL C 93 -8.77 -6.05 -0.67
CA VAL C 93 -8.58 -5.58 -2.02
C VAL C 93 -8.88 -6.79 -2.89
N TYR C 94 -9.80 -6.68 -3.82
CA TYR C 94 -10.13 -7.74 -4.73
C TYR C 94 -9.45 -7.50 -6.06
N TYR C 95 -8.72 -8.47 -6.59
CA TYR C 95 -8.14 -8.39 -7.91
C TYR C 95 -8.83 -9.36 -8.82
N CYS C 96 -9.12 -9.01 -10.06
CA CYS C 96 -9.40 -9.99 -11.07
C CYS C 96 -8.10 -10.22 -11.78
N ALA C 97 -7.82 -11.44 -12.21
CA ALA C 97 -6.60 -11.75 -12.91
C ALA C 97 -7.02 -12.70 -14.00
N ARG C 98 -6.35 -12.75 -15.15
CA ARG C 98 -6.70 -13.73 -16.14
C ARG C 98 -5.54 -14.64 -16.43
N ARG C 99 -5.82 -15.75 -17.10
CA ARG C 99 -4.82 -16.68 -17.54
C ARG C 99 -5.24 -17.14 -18.91
N ALA C 100 -4.31 -17.41 -19.82
CA ALA C 100 -4.65 -17.83 -21.16
C ALA C 100 -5.42 -19.14 -21.10
N ALA C 101 -6.47 -19.31 -21.92
CA ALA C 101 -7.30 -20.50 -21.96
C ALA C 101 -6.46 -21.75 -22.15
N GLY C 102 -6.74 -22.84 -21.44
CA GLY C 102 -6.06 -24.12 -21.66
C GLY C 102 -4.75 -24.20 -20.93
N MET C 103 -4.14 -23.08 -20.53
CA MET C 103 -2.85 -23.03 -19.83
C MET C 103 -3.07 -23.31 -18.37
N SER C 104 -3.57 -24.49 -18.02
CA SER C 104 -4.05 -24.82 -16.69
C SER C 104 -2.95 -24.78 -15.63
N THR C 105 -1.68 -24.99 -15.96
CA THR C 105 -0.57 -24.99 -15.00
C THR C 105 0.09 -23.64 -14.88
N TYR C 106 -0.35 -22.61 -15.60
CA TYR C 106 0.29 -21.31 -15.62
C TYR C 106 -0.21 -20.41 -14.53
N GLY C 107 0.46 -19.30 -14.29
CA GLY C 107 0.00 -18.28 -13.37
C GLY C 107 -0.87 -17.31 -14.11
N PHE C 108 -1.08 -16.12 -13.57
CA PHE C 108 -2.02 -15.14 -14.14
C PHE C 108 -1.23 -14.01 -14.73
N ASP C 109 -1.40 -13.71 -16.02
CA ASP C 109 -0.54 -12.80 -16.75
C ASP C 109 -1.04 -11.37 -16.66
N TYR C 110 -2.33 -11.10 -16.70
CA TYR C 110 -2.86 -9.76 -16.58
C TYR C 110 -3.71 -9.66 -15.35
N TRP C 111 -3.59 -8.58 -14.57
CA TRP C 111 -4.27 -8.38 -13.31
C TRP C 111 -4.98 -7.05 -13.34
N GLY C 112 -6.17 -6.95 -12.77
CA GLY C 112 -6.83 -5.69 -12.55
C GLY C 112 -6.07 -4.88 -11.51
N GLN C 113 -6.34 -3.59 -11.38
CA GLN C 113 -5.59 -2.73 -10.50
C GLN C 113 -5.94 -2.99 -9.04
N GLY C 114 -7.03 -3.68 -8.74
CA GLY C 114 -7.47 -3.96 -7.38
C GLY C 114 -8.59 -3.01 -7.01
N THR C 115 -9.59 -3.45 -6.25
CA THR C 115 -10.59 -2.58 -5.68
C THR C 115 -10.80 -2.94 -4.23
N LEU C 116 -10.83 -1.97 -3.32
CA LEU C 116 -10.99 -2.21 -1.90
C LEU C 116 -12.46 -2.45 -1.63
N VAL C 117 -12.82 -3.58 -1.04
CA VAL C 117 -14.15 -3.80 -0.52
C VAL C 117 -14.04 -3.70 0.98
N THR C 118 -14.80 -2.83 1.62
CA THR C 118 -14.80 -2.65 3.06
C THR C 118 -16.16 -2.99 3.58
N VAL C 119 -16.32 -4.01 4.42
CA VAL C 119 -17.61 -4.38 4.93
C VAL C 119 -17.74 -3.81 6.33
N SER C 120 -18.53 -2.77 6.51
CA SER C 120 -18.59 -2.05 7.76
C SER C 120 -19.91 -1.34 7.88
N SER C 121 -20.46 -1.20 9.10
CA SER C 121 -21.61 -0.37 9.39
C SER C 121 -21.23 1.09 9.52
N ALA C 122 -19.96 1.45 9.57
CA ALA C 122 -19.54 2.84 9.76
C ALA C 122 -19.94 3.69 8.56
N SER C 123 -20.21 4.99 8.76
CA SER C 123 -20.70 5.86 7.70
C SER C 123 -19.53 6.47 6.93
N THR C 124 -19.68 6.74 5.63
CA THR C 124 -18.71 7.48 4.87
C THR C 124 -18.51 8.87 5.47
N LYS C 125 -17.30 9.41 5.44
CA LYS C 125 -17.01 10.74 5.90
C LYS C 125 -15.88 11.26 5.06
N GLY C 126 -16.00 12.42 4.44
CA GLY C 126 -14.92 13.02 3.66
C GLY C 126 -13.90 13.66 4.58
N PRO C 127 -12.70 13.91 4.07
CA PRO C 127 -11.60 14.39 4.90
C PRO C 127 -11.59 15.88 5.15
N SER C 128 -11.14 16.33 6.32
CA SER C 128 -10.68 17.69 6.57
C SER C 128 -9.23 17.75 6.11
N VAL C 129 -8.79 18.76 5.38
CA VAL C 129 -7.41 18.81 4.91
C VAL C 129 -6.76 20.04 5.51
N PHE C 130 -5.70 19.87 6.30
CA PHE C 130 -5.00 20.97 6.93
C PHE C 130 -3.58 21.05 6.38
N PRO C 131 -3.06 22.26 6.31
CA PRO C 131 -1.70 22.46 5.82
C PRO C 131 -0.67 22.03 6.86
N LEU C 132 0.40 21.36 6.46
CA LEU C 132 1.62 21.27 7.24
C LEU C 132 2.49 22.36 6.63
N ALA C 133 2.53 23.55 7.20
CA ALA C 133 3.12 24.72 6.56
C ALA C 133 4.62 24.64 6.68
N PRO C 134 5.35 25.12 5.67
CA PRO C 134 6.81 25.18 5.77
C PRO C 134 7.22 26.28 6.74
N SER C 135 8.20 26.07 7.61
CA SER C 135 8.65 27.08 8.56
C SER C 135 10.17 27.01 8.71
N SER C 136 10.78 27.75 9.62
N GLY C 142 19.20 24.17 2.06
CA GLY C 142 18.25 25.15 1.52
C GLY C 142 16.98 24.45 1.07
N THR C 143 16.54 23.40 1.76
CA THR C 143 15.35 22.64 1.42
C THR C 143 14.28 22.85 2.49
N ALA C 144 13.00 22.92 2.13
CA ALA C 144 11.89 23.12 3.09
C ALA C 144 10.93 21.95 2.94
N ALA C 145 10.42 21.39 4.03
CA ALA C 145 9.37 20.37 4.01
C ALA C 145 8.00 21.03 4.17
N LEU C 146 7.03 20.72 3.33
CA LEU C 146 5.65 21.17 3.55
C LEU C 146 4.75 20.00 3.21
N GLY C 147 3.47 20.06 3.52
CA GLY C 147 2.61 18.93 3.32
C GLY C 147 1.17 19.25 3.60
N CYS C 148 0.29 18.27 3.55
CA CYS C 148 -1.05 18.40 4.12
C CYS C 148 -1.40 17.22 4.99
N LEU C 149 -2.18 17.46 6.02
CA LEU C 149 -2.68 16.43 6.89
C LEU C 149 -4.10 16.16 6.43
N VAL C 150 -4.44 14.94 6.04
CA VAL C 150 -5.80 14.59 5.64
C VAL C 150 -6.44 13.87 6.82
N LYS C 151 -7.37 14.49 7.54
CA LYS C 151 -7.84 14.02 8.83
C LYS C 151 -9.25 13.44 8.74
N ASP C 152 -9.53 12.34 9.43
CA ASP C 152 -10.88 11.92 9.78
C ASP C 152 -11.73 11.60 8.56
N TYR C 153 -11.33 10.66 7.74
CA TYR C 153 -12.14 10.19 6.63
C TYR C 153 -12.42 8.71 6.74
N PHE C 154 -13.43 8.24 6.02
CA PHE C 154 -13.80 6.85 5.99
C PHE C 154 -14.68 6.66 4.76
N PRO C 155 -14.55 5.57 4.03
CA PRO C 155 -13.50 4.56 4.21
C PRO C 155 -12.21 4.93 3.46
N GLU C 156 -11.20 4.07 3.42
CA GLU C 156 -10.12 4.18 2.47
C GLU C 156 -10.70 3.97 1.07
N PRO C 157 -10.03 4.37 0.00
CA PRO C 157 -8.75 5.07 0.04
C PRO C 157 -8.79 6.57 -0.17
N VAL C 158 -7.79 7.30 0.28
CA VAL C 158 -7.52 8.66 -0.18
C VAL C 158 -6.26 8.61 -1.03
N THR C 159 -6.19 9.36 -2.12
CA THR C 159 -4.94 9.52 -2.86
C THR C 159 -4.62 10.99 -2.89
N VAL C 160 -3.34 11.35 -2.88
CA VAL C 160 -2.92 12.72 -2.87
C VAL C 160 -1.97 12.96 -4.02
N SER C 161 -2.11 14.05 -4.75
CA SER C 161 -1.09 14.48 -5.68
C SER C 161 -0.70 15.88 -5.28
N TRP C 162 0.35 16.44 -5.86
CA TRP C 162 0.75 17.81 -5.65
C TRP C 162 0.76 18.57 -6.97
N ASN C 163 0.25 19.79 -7.02
CA ASN C 163 0.15 20.60 -8.24
C ASN C 163 -0.39 19.80 -9.39
N SER C 164 -1.46 19.04 -9.14
CA SER C 164 -2.13 18.18 -10.12
C SER C 164 -1.20 17.16 -10.77
N GLY C 165 -0.25 16.59 -10.04
CA GLY C 165 0.67 15.60 -10.59
C GLY C 165 1.91 16.22 -11.18
N ALA C 166 2.01 17.54 -11.27
CA ALA C 166 3.18 18.23 -11.79
C ALA C 166 4.34 18.17 -10.81
N LEU C 167 4.09 18.06 -9.51
CA LEU C 167 5.14 17.91 -8.50
C LEU C 167 5.14 16.47 -8.02
N THR C 168 6.17 15.68 -8.34
CA THR C 168 6.26 14.29 -7.91
C THR C 168 7.59 14.04 -7.21
N SER C 169 8.66 14.74 -7.57
CA SER C 169 9.96 14.57 -6.94
C SER C 169 9.92 15.03 -5.50
N GLY C 170 10.39 14.23 -4.55
CA GLY C 170 10.48 14.61 -3.15
C GLY C 170 9.18 14.40 -2.42
N VAL C 171 8.13 13.84 -3.04
CA VAL C 171 6.84 13.71 -2.39
C VAL C 171 6.82 12.43 -1.58
N HIS C 172 6.30 12.43 -0.37
CA HIS C 172 6.11 11.22 0.40
C HIS C 172 4.69 11.23 0.91
N THR C 173 3.83 10.32 0.47
CA THR C 173 2.49 10.24 0.97
C THR C 173 2.43 9.00 1.83
N PHE C 174 2.12 9.13 3.12
CA PHE C 174 2.24 8.04 4.07
C PHE C 174 1.00 7.17 4.04
N PRO C 175 1.19 5.89 4.36
CA PRO C 175 0.06 4.99 4.60
C PRO C 175 -0.94 5.60 5.54
N ALA C 176 -2.25 5.43 5.31
CA ALA C 176 -3.27 5.92 6.20
C ALA C 176 -3.15 5.25 7.53
N VAL C 177 -3.50 5.93 8.61
CA VAL C 177 -3.48 5.36 9.93
C VAL C 177 -4.92 5.30 10.40
N LEU C 178 -5.39 4.16 10.89
CA LEU C 178 -6.71 4.05 11.47
C LEU C 178 -6.61 4.60 12.88
N GLN C 179 -7.44 5.55 13.26
CA GLN C 179 -7.39 6.19 14.56
C GLN C 179 -8.35 5.50 15.50
N SER C 180 -8.27 5.73 16.81
CA SER C 180 -9.22 5.20 17.79
C SER C 180 -10.66 5.60 17.45
N SER C 181 -10.89 6.75 16.83
CA SER C 181 -12.22 7.21 16.42
C SER C 181 -12.89 6.31 15.39
N GLY C 182 -12.19 5.39 14.73
CA GLY C 182 -12.72 4.62 13.62
C GLY C 182 -12.48 5.34 12.30
N LEU C 183 -11.83 6.50 12.30
CA LEU C 183 -11.60 7.27 11.09
C LEU C 183 -10.14 7.23 10.67
N TYR C 184 -9.83 7.36 9.39
CA TYR C 184 -8.47 7.33 8.90
C TYR C 184 -7.86 8.71 8.83
N SER C 185 -6.55 8.81 8.96
CA SER C 185 -5.80 10.01 8.76
C SER C 185 -4.59 9.66 7.91
N LEU C 186 -4.13 10.53 7.05
CA LEU C 186 -2.84 10.34 6.41
C LEU C 186 -2.20 11.68 6.13
N SER C 187 -0.87 11.73 6.03
CA SER C 187 -0.15 12.93 5.70
C SER C 187 0.55 12.73 4.38
N SER C 188 0.66 13.79 3.58
CA SER C 188 1.48 13.79 2.39
C SER C 188 2.43 14.95 2.53
N VAL C 189 3.72 14.76 2.37
CA VAL C 189 4.69 15.81 2.51
C VAL C 189 5.54 15.89 1.25
N VAL C 190 6.10 17.03 0.94
CA VAL C 190 7.02 17.17 -0.18
C VAL C 190 8.14 18.09 0.29
N THR C 191 9.38 17.84 -0.12
CA THR C 191 10.49 18.74 0.17
C THR C 191 10.78 19.54 -1.10
N VAL C 192 10.88 20.86 -1.00
CA VAL C 192 11.04 21.78 -2.12
C VAL C 192 12.20 22.71 -1.78
N PRO C 193 12.77 23.38 -2.77
CA PRO C 193 13.76 24.42 -2.50
C PRO C 193 13.16 25.56 -1.68
N SER C 194 13.79 26.04 -0.61
CA SER C 194 13.27 27.14 0.20
C SER C 194 13.15 28.42 -0.63
N SER C 195 14.02 28.67 -1.61
CA SER C 195 13.94 29.83 -2.48
C SER C 195 12.65 29.84 -3.31
N SER C 196 12.00 28.71 -3.54
CA SER C 196 10.75 28.65 -4.30
C SER C 196 9.53 29.00 -3.44
N LEU C 197 9.63 29.08 -2.12
CA LEU C 197 8.46 29.25 -1.25
C LEU C 197 7.70 30.53 -1.55
N GLY C 198 8.34 31.66 -1.89
CA GLY C 198 7.63 32.89 -2.24
C GLY C 198 7.21 32.93 -3.69
N THR C 199 7.75 32.10 -4.58
CA THR C 199 7.43 32.16 -6.00
C THR C 199 6.55 30.98 -6.42
N GLN C 200 6.81 29.75 -5.97
CA GLN C 200 6.10 28.58 -6.47
C GLN C 200 4.89 28.28 -5.61
N THR C 201 3.71 28.09 -6.19
CA THR C 201 2.51 27.71 -5.45
C THR C 201 2.52 26.21 -5.23
N TYR C 202 2.23 25.73 -4.02
CA TYR C 202 2.21 24.30 -3.72
C TYR C 202 0.80 23.94 -3.26
N ILE C 203 0.09 23.11 -4.00
CA ILE C 203 -1.28 22.77 -3.71
C ILE C 203 -1.35 21.27 -3.60
N CYS C 204 -1.90 20.70 -2.53
CA CYS C 204 -2.07 19.28 -2.50
C CYS C 204 -3.48 18.95 -2.93
N ASN C 205 -3.66 17.96 -3.78
CA ASN C 205 -4.93 17.59 -4.36
C ASN C 205 -5.31 16.30 -3.70
N VAL C 206 -6.32 16.28 -2.86
CA VAL C 206 -6.70 15.11 -2.11
C VAL C 206 -7.96 14.55 -2.71
N ASN C 207 -7.94 13.30 -3.16
CA ASN C 207 -9.10 12.66 -3.75
C ASN C 207 -9.64 11.67 -2.76
N HIS C 208 -10.90 11.80 -2.34
CA HIS C 208 -11.56 10.77 -1.57
C HIS C 208 -12.80 10.37 -2.36
N LYS C 209 -12.64 9.49 -3.34
CA LYS C 209 -13.74 9.03 -4.16
C LYS C 209 -14.86 8.36 -3.36
N PRO C 210 -14.57 7.61 -2.31
CA PRO C 210 -15.63 7.05 -1.50
C PRO C 210 -16.64 8.07 -0.98
N SER C 211 -16.29 9.33 -0.76
CA SER C 211 -17.23 10.36 -0.31
C SER C 211 -17.54 11.36 -1.41
N ASN C 212 -17.20 11.06 -2.66
CA ASN C 212 -17.46 11.94 -3.81
C ASN C 212 -16.81 13.30 -3.63
N THR C 213 -15.61 13.36 -3.06
CA THR C 213 -14.96 14.60 -2.67
C THR C 213 -13.57 14.71 -3.29
N LYS C 214 -13.19 15.87 -3.80
CA LYS C 214 -11.80 16.19 -4.08
C LYS C 214 -11.52 17.51 -3.39
N VAL C 215 -10.43 17.64 -2.63
CA VAL C 215 -10.08 18.88 -1.95
C VAL C 215 -8.72 19.31 -2.43
N ASP C 216 -8.56 20.55 -2.91
CA ASP C 216 -7.27 21.14 -3.17
C ASP C 216 -6.95 22.13 -2.06
N LYS C 217 -5.79 22.01 -1.41
CA LYS C 217 -5.38 22.90 -0.35
C LYS C 217 -4.06 23.52 -0.75
N LYS C 218 -3.98 24.84 -0.91
CA LYS C 218 -2.72 25.52 -1.13
C LYS C 218 -2.00 25.64 0.21
N VAL C 219 -0.73 25.25 0.28
CA VAL C 219 0.03 25.25 1.52
C VAL C 219 1.08 26.34 1.41
N GLU C 220 1.10 27.31 2.32
CA GLU C 220 2.00 28.45 2.27
C GLU C 220 2.60 28.68 3.66
N PRO C 221 3.71 29.42 3.73
CA PRO C 221 4.26 29.81 5.02
C PRO C 221 3.23 30.53 5.87
N LYS C 222 3.22 30.36 7.19
CA LYS C 222 2.23 31.01 8.07
C LYS C 222 2.82 32.25 8.73
N SER C 223 3.74 32.10 9.68
CA SER C 223 4.26 33.20 10.53
C SER C 223 5.07 32.61 11.71
N CYS C 224 4.71 31.46 12.27
CA CYS C 224 5.50 30.79 13.31
C CYS C 224 5.16 29.29 13.39
#